data_5XXK
#
_entry.id   5XXK
#
_cell.length_a   65.520
_cell.length_b   106.410
_cell.length_c   39.300
_cell.angle_alpha   90.00
_cell.angle_beta   90.00
_cell.angle_gamma   90.00
#
_symmetry.space_group_name_H-M   'P 21 21 2'
#
loop_
_entity.id
_entity.type
_entity.pdbx_description
1 polymer 'E3 ubiquitin-protein ligase Mdm2'
2 polymer 'Hydrocarbon stapled peptide THC-SER-PHE-0EH-GLU-TYR-6CW-ALA-LEU-LEU-MK8-NH2'
3 water water
#
loop_
_entity_poly.entity_id
_entity_poly.type
_entity_poly.pdbx_seq_one_letter_code
_entity_poly.pdbx_strand_id
1 'polypeptide(L)'
;GPMSVPTDGAVTTSQIPASEQETLVRPKPLLLKLLKSVGAQKDTYTMKEVLFYLGQYIATKRLYDEKQQHIVYCSNDLLG
DLFGVPSFSVKEHRKIYTMIYRNLVVVNQQESSDSGTSVSEN
;
A,B
2 'polypeptide(L)' (THC)SF(0EH)EY(6CW)ALL(MK8)(NH2) C,D
#
# COMPACT_ATOMS: atom_id res chain seq x y z
N GLN A 15 -15.20 -4.70 -2.87
CA GLN A 15 -14.65 -5.91 -2.19
C GLN A 15 -14.74 -7.16 -3.10
N ILE A 16 -13.59 -7.76 -3.44
CA ILE A 16 -13.57 -9.03 -4.17
C ILE A 16 -13.93 -10.16 -3.18
N PRO A 17 -14.92 -11.03 -3.52
CA PRO A 17 -15.30 -12.15 -2.62
C PRO A 17 -14.12 -13.03 -2.17
N ALA A 18 -14.22 -13.61 -0.98
CA ALA A 18 -13.16 -14.49 -0.43
C ALA A 18 -12.72 -15.60 -1.40
N SER A 19 -13.69 -16.24 -2.04
CA SER A 19 -13.42 -17.28 -3.04
C SER A 19 -12.72 -16.72 -4.29
N GLU A 20 -13.16 -15.55 -4.74
CA GLU A 20 -12.58 -14.90 -5.93
C GLU A 20 -11.16 -14.39 -5.70
N GLN A 21 -10.84 -14.00 -4.46
CA GLN A 21 -9.49 -13.56 -4.10
C GLN A 21 -8.42 -14.63 -4.35
N GLU A 22 -8.77 -15.91 -4.18
CA GLU A 22 -7.83 -17.02 -4.37
C GLU A 22 -7.79 -17.58 -5.79
N THR A 23 -8.59 -17.02 -6.69
CA THR A 23 -8.58 -17.37 -8.11
C THR A 23 -7.19 -17.19 -8.71
N LEU A 24 -6.68 -18.22 -9.36
CA LEU A 24 -5.37 -18.18 -9.93
C LEU A 24 -5.44 -17.61 -11.35
N VAL A 25 -4.55 -16.69 -11.65
CA VAL A 25 -4.60 -15.94 -12.92
C VAL A 25 -3.21 -15.79 -13.50
N ARG A 26 -3.16 -15.60 -14.81
CA ARG A 26 -1.91 -15.37 -15.52
C ARG A 26 -2.02 -14.03 -16.20
N PRO A 27 -1.30 -13.02 -15.66
CA PRO A 27 -1.36 -11.69 -16.27
C PRO A 27 -0.85 -11.68 -17.71
N LYS A 28 -1.55 -10.93 -18.55
CA LYS A 28 -1.12 -10.66 -19.93
C LYS A 28 0.15 -9.81 -19.90
N PRO A 29 0.87 -9.67 -21.03
CA PRO A 29 2.22 -9.09 -20.96
C PRO A 29 2.42 -7.69 -20.37
N LEU A 30 1.53 -6.73 -20.65
CA LEU A 30 1.69 -5.37 -20.12
C LEU A 30 1.48 -5.38 -18.60
N LEU A 31 0.43 -6.03 -18.13
CA LEU A 31 0.23 -6.17 -16.67
C LEU A 31 1.40 -6.88 -16.00
N LEU A 32 1.89 -7.96 -16.61
CA LEU A 32 3.00 -8.69 -16.05
C LEU A 32 4.23 -7.77 -15.93
N LYS A 33 4.48 -6.93 -16.95
CA LYS A 33 5.58 -5.96 -16.91
C LYS A 33 5.40 -4.99 -15.75
N LEU A 34 4.18 -4.49 -15.56
CA LEU A 34 3.89 -3.63 -14.42
C LEU A 34 4.22 -4.33 -13.09
N LEU A 35 3.72 -5.55 -12.94
CA LEU A 35 3.92 -6.27 -11.67
C LEU A 35 5.40 -6.50 -11.39
N LYS A 36 6.15 -6.89 -12.42
CA LYS A 36 7.59 -7.10 -12.24
C LYS A 36 8.39 -5.83 -11.94
N SER A 37 7.90 -4.66 -12.35
CA SER A 37 8.58 -3.40 -12.06
C SER A 37 8.56 -3.01 -10.57
N VAL A 38 7.64 -3.60 -9.80
CA VAL A 38 7.62 -3.44 -8.34
C VAL A 38 8.03 -4.70 -7.59
N GLY A 39 8.68 -5.63 -8.30
CA GLY A 39 9.35 -6.78 -7.67
C GLY A 39 8.64 -8.10 -7.73
N ALA A 40 7.51 -8.21 -8.43
CA ALA A 40 6.82 -9.49 -8.56
C ALA A 40 7.72 -10.37 -9.45
N GLN A 41 7.72 -11.67 -9.19
CA GLN A 41 8.76 -12.53 -9.76
C GLN A 41 8.24 -13.88 -10.28
N LYS A 42 6.95 -13.95 -10.58
CA LYS A 42 6.34 -15.16 -11.14
C LYS A 42 5.41 -14.82 -12.29
N ASP A 43 4.89 -15.84 -12.96
CA ASP A 43 3.95 -15.66 -14.06
C ASP A 43 2.49 -15.93 -13.67
N THR A 44 2.28 -16.54 -12.50
CA THR A 44 0.96 -16.96 -12.06
C THR A 44 0.73 -16.40 -10.65
N TYR A 45 -0.45 -15.81 -10.41
CA TYR A 45 -0.77 -15.13 -9.13
C TYR A 45 -2.20 -15.41 -8.74
N THR A 46 -2.51 -15.21 -7.46
CA THR A 46 -3.90 -15.11 -7.06
C THR A 46 -4.37 -13.69 -7.37
N MET A 47 -5.68 -13.52 -7.53
CA MET A 47 -6.26 -12.19 -7.72
C MET A 47 -5.86 -11.26 -6.58
N LYS A 48 -5.82 -11.78 -5.35
CA LYS A 48 -5.42 -11.02 -4.17
C LYS A 48 -3.99 -10.45 -4.34
N GLU A 49 -3.07 -11.30 -4.79
CA GLU A 49 -1.69 -10.88 -5.03
C GLU A 49 -1.58 -9.81 -6.11
N VAL A 50 -2.36 -9.96 -7.18
CA VAL A 50 -2.35 -8.98 -8.25
C VAL A 50 -2.78 -7.62 -7.67
N LEU A 51 -3.85 -7.63 -6.88
CA LEU A 51 -4.36 -6.38 -6.28
C LEU A 51 -3.39 -5.76 -5.28
N PHE A 52 -2.67 -6.58 -4.51
CA PHE A 52 -1.61 -6.08 -3.65
C PHE A 52 -0.54 -5.36 -4.46
N TYR A 53 -0.01 -6.01 -5.49
CA TYR A 53 1.06 -5.40 -6.29
C TYR A 53 0.60 -4.16 -7.08
N LEU A 54 -0.64 -4.15 -7.55
CA LEU A 54 -1.17 -2.98 -8.23
C LEU A 54 -1.26 -1.76 -7.33
N GLY A 55 -1.79 -1.97 -6.13
CA GLY A 55 -1.85 -0.91 -5.13
C GLY A 55 -0.47 -0.39 -4.79
N GLN A 56 0.46 -1.33 -4.60
CA GLN A 56 1.84 -0.96 -4.32
C GLN A 56 2.43 -0.14 -5.44
N TYR A 57 2.19 -0.57 -6.69
CA TYR A 57 2.67 0.15 -7.87
C TYR A 57 2.18 1.60 -7.86
N ILE A 58 0.89 1.80 -7.65
CA ILE A 58 0.33 3.13 -7.70
C ILE A 58 0.96 4.03 -6.63
N ALA A 59 1.17 3.48 -5.44
CA ALA A 59 1.84 4.22 -4.38
C ALA A 59 3.31 4.52 -4.73
N THR A 60 4.04 3.55 -5.30
CA THR A 60 5.45 3.78 -5.62
C THR A 60 5.66 4.86 -6.67
N LYS A 61 4.72 4.94 -7.61
CA LYS A 61 4.73 5.93 -8.67
C LYS A 61 4.03 7.24 -8.29
N ARG A 62 3.42 7.31 -7.09
CA ARG A 62 2.78 8.53 -6.56
C ARG A 62 1.70 9.04 -7.51
N LEU A 63 0.88 8.14 -8.04
CA LEU A 63 -0.12 8.51 -9.03
C LEU A 63 -1.44 8.98 -8.41
N TYR A 64 -1.59 8.84 -7.10
CA TYR A 64 -2.82 9.29 -6.41
C TYR A 64 -2.74 10.79 -6.12
N ASP A 65 -3.91 11.44 -6.10
CA ASP A 65 -3.97 12.85 -5.70
C ASP A 65 -3.77 12.95 -4.21
N GLU A 66 -2.81 13.75 -3.74
CA GLU A 66 -2.54 13.82 -2.29
C GLU A 66 -3.71 14.37 -1.47
N LYS A 67 -4.52 15.23 -2.09
CA LYS A 67 -5.63 15.88 -1.41
C LYS A 67 -6.89 15.01 -1.35
N GLN A 68 -7.21 14.33 -2.46
CA GLN A 68 -8.35 13.40 -2.54
C GLN A 68 -7.83 12.06 -3.09
N GLN A 69 -7.47 11.21 -2.16
CA GLN A 69 -6.57 10.10 -2.48
C GLN A 69 -7.22 8.92 -3.17
N HIS A 70 -8.51 9.00 -3.44
CA HIS A 70 -9.18 8.07 -4.32
C HIS A 70 -8.96 8.35 -5.80
N ILE A 71 -8.40 9.51 -6.18
CA ILE A 71 -8.16 9.85 -7.56
C ILE A 71 -6.80 9.38 -8.01
N VAL A 72 -6.77 8.61 -9.09
CA VAL A 72 -5.52 8.12 -9.69
C VAL A 72 -5.42 8.70 -11.10
N TYR A 73 -4.27 9.33 -11.39
CA TYR A 73 -3.98 9.88 -12.72
C TYR A 73 -2.99 8.96 -13.40
N CYS A 74 -3.25 8.56 -14.64
CA CYS A 74 -2.36 7.59 -15.29
C CYS A 74 -2.15 7.80 -16.78
N SER A 75 -2.45 8.99 -17.29
CA SER A 75 -2.35 9.25 -18.73
C SER A 75 -0.90 9.11 -19.24
N ASN A 76 0.08 9.52 -18.43
CA ASN A 76 1.50 9.44 -18.80
C ASN A 76 2.20 8.24 -18.18
N ASP A 77 1.45 7.17 -17.87
CA ASP A 77 2.02 6.01 -17.18
C ASP A 77 1.60 4.73 -17.89
N LEU A 78 2.43 3.70 -17.75
CA LEU A 78 2.10 2.33 -18.13
C LEU A 78 0.70 1.88 -17.71
N LEU A 79 0.31 2.24 -16.49
CA LEU A 79 -1.01 1.87 -15.98
C LEU A 79 -2.15 2.38 -16.88
N GLY A 80 -2.01 3.60 -17.40
CA GLY A 80 -3.00 4.15 -18.34
C GLY A 80 -3.05 3.38 -19.64
N ASP A 81 -1.90 2.92 -20.11
CA ASP A 81 -1.85 2.11 -21.35
C ASP A 81 -2.62 0.80 -21.18
N LEU A 82 -2.44 0.11 -20.06
CA LEU A 82 -3.12 -1.19 -19.86
C LEU A 82 -4.59 -1.08 -19.43
N PHE A 83 -4.95 -0.05 -18.65
CA PHE A 83 -6.36 0.18 -18.33
C PHE A 83 -7.16 0.84 -19.46
N GLY A 84 -6.49 1.56 -20.33
CA GLY A 84 -7.14 2.30 -21.41
C GLY A 84 -7.92 3.54 -20.99
N VAL A 85 -7.51 4.13 -19.86
CA VAL A 85 -8.13 5.35 -19.32
C VAL A 85 -7.05 6.33 -18.89
N PRO A 86 -7.36 7.64 -18.90
CA PRO A 86 -6.42 8.67 -18.44
C PRO A 86 -6.42 8.91 -16.91
N SER A 87 -7.52 8.56 -16.25
CA SER A 87 -7.61 8.63 -14.79
C SER A 87 -8.75 7.77 -14.37
N PHE A 88 -8.86 7.50 -13.06
CA PHE A 88 -10.01 6.79 -12.52
C PHE A 88 -10.10 7.04 -11.02
N SER A 89 -11.24 6.66 -10.44
CA SER A 89 -11.43 6.74 -8.99
C SER A 89 -11.36 5.32 -8.42
N VAL A 90 -10.65 5.17 -7.31
CA VAL A 90 -10.53 3.91 -6.61
C VAL A 90 -11.92 3.44 -6.12
N LYS A 91 -12.86 4.39 -5.94
CA LYS A 91 -14.25 4.05 -5.56
C LYS A 91 -15.05 3.30 -6.63
N GLU A 92 -14.56 3.29 -7.86
CA GLU A 92 -15.26 2.63 -8.97
C GLU A 92 -14.89 1.15 -9.00
N HIS A 93 -15.36 0.40 -8.00
CA HIS A 93 -14.88 -0.97 -7.78
C HIS A 93 -15.12 -1.85 -9.02
N ARG A 94 -16.33 -1.80 -9.58
CA ARG A 94 -16.67 -2.67 -10.72
C ARG A 94 -15.86 -2.37 -11.94
N LYS A 95 -15.71 -1.08 -12.22
CA LYS A 95 -14.93 -0.60 -13.34
C LYS A 95 -13.49 -1.09 -13.23
N ILE A 96 -12.94 -1.03 -12.02
CA ILE A 96 -11.55 -1.46 -11.84
C ILE A 96 -11.40 -2.97 -12.06
N TYR A 97 -12.30 -3.76 -11.47
CA TYR A 97 -12.27 -5.21 -11.66
C TYR A 97 -12.35 -5.52 -13.16
N THR A 98 -13.28 -4.86 -13.86
CA THR A 98 -13.41 -5.07 -15.31
C THR A 98 -12.10 -4.80 -16.04
N MET A 99 -11.44 -3.69 -15.70
CA MET A 99 -10.17 -3.32 -16.35
C MET A 99 -9.05 -4.31 -16.05
N ILE A 100 -8.99 -4.79 -14.82
CA ILE A 100 -7.98 -5.77 -14.43
C ILE A 100 -8.22 -7.12 -15.13
N TYR A 101 -9.46 -7.60 -15.12
CA TYR A 101 -9.80 -8.89 -15.78
C TYR A 101 -9.51 -8.91 -17.29
N ARG A 102 -9.64 -7.74 -17.95
CA ARG A 102 -9.24 -7.61 -19.37
C ARG A 102 -7.77 -7.90 -19.60
N ASN A 103 -6.94 -7.71 -18.55
CA ASN A 103 -5.49 -7.85 -18.62
C ASN A 103 -4.92 -9.14 -18.02
N LEU A 104 -5.76 -10.14 -17.87
CA LEU A 104 -5.27 -11.45 -17.40
C LEU A 104 -6.11 -12.56 -17.98
N VAL A 105 -5.58 -13.79 -17.88
CA VAL A 105 -6.35 -14.98 -18.22
C VAL A 105 -6.53 -15.77 -16.94
N VAL A 106 -7.77 -16.11 -16.63
CA VAL A 106 -8.09 -16.92 -15.45
C VAL A 106 -7.65 -18.34 -15.80
N VAL A 107 -6.89 -18.96 -14.90
CA VAL A 107 -6.34 -20.29 -15.16
C VAL A 107 -7.50 -21.27 -15.36
N ASN A 108 -7.40 -22.09 -16.41
CA ASN A 108 -8.40 -23.11 -16.77
C ASN A 108 -9.76 -22.59 -17.29
N GLN A 109 -9.86 -21.31 -17.63
CA GLN A 109 -11.15 -20.75 -18.10
C GLN A 109 -11.25 -20.86 -19.61
N GLN B 15 -1.43 -10.00 13.28
CA GLN B 15 -1.86 -8.59 13.17
C GLN B 15 -2.05 -7.90 14.50
N ILE B 16 -1.89 -6.56 14.50
CA ILE B 16 -2.28 -5.76 15.65
C ILE B 16 -3.79 -5.92 15.85
N PRO B 17 -4.24 -6.26 17.08
CA PRO B 17 -5.67 -6.47 17.31
C PRO B 17 -6.52 -5.26 16.95
N ALA B 18 -7.74 -5.50 16.47
CA ALA B 18 -8.63 -4.41 16.05
C ALA B 18 -8.90 -3.41 17.17
N SER B 19 -9.11 -3.92 18.39
CA SER B 19 -9.31 -3.05 19.56
C SER B 19 -8.10 -2.16 19.85
N GLU B 20 -6.88 -2.65 19.59
CA GLU B 20 -5.68 -1.80 19.78
C GLU B 20 -5.55 -0.69 18.75
N GLN B 21 -6.10 -0.96 17.58
CA GLN B 21 -6.09 0.01 16.48
C GLN B 21 -7.16 1.08 16.53
N GLU B 22 -8.17 0.94 17.39
CA GLU B 22 -9.20 1.98 17.47
C GLU B 22 -8.78 3.13 18.39
N THR B 23 -7.66 2.98 19.11
CA THR B 23 -7.09 4.01 19.98
C THR B 23 -6.92 5.34 19.23
N LEU B 24 -7.46 6.42 19.81
CA LEU B 24 -7.30 7.76 19.26
C LEU B 24 -5.94 8.28 19.70
N VAL B 25 -5.14 8.74 18.74
CA VAL B 25 -3.76 9.15 19.02
C VAL B 25 -3.39 10.46 18.32
N ARG B 26 -2.42 11.17 18.90
CA ARG B 26 -1.86 12.39 18.35
C ARG B 26 -0.40 12.09 18.04
N PRO B 27 -0.02 12.11 16.75
CA PRO B 27 1.39 11.92 16.46
C PRO B 27 2.28 13.03 16.99
N LYS B 28 3.48 12.65 17.43
CA LYS B 28 4.51 13.60 17.80
C LYS B 28 5.07 14.32 16.57
N PRO B 29 5.73 15.48 16.76
CA PRO B 29 6.17 16.34 15.64
C PRO B 29 6.83 15.66 14.43
N LEU B 30 7.75 14.73 14.68
CA LEU B 30 8.46 14.05 13.61
C LEU B 30 7.53 13.11 12.80
N LEU B 31 6.72 12.32 13.49
CA LEU B 31 5.77 11.44 12.81
C LEU B 31 4.70 12.26 12.09
N LEU B 32 4.25 13.35 12.73
CA LEU B 32 3.26 14.22 12.10
C LEU B 32 3.79 14.77 10.77
N LYS B 33 5.04 15.21 10.75
CA LYS B 33 5.71 15.66 9.54
C LYS B 33 5.76 14.56 8.48
N LEU B 34 6.10 13.34 8.90
CA LEU B 34 6.07 12.20 7.98
C LEU B 34 4.69 11.98 7.39
N LEU B 35 3.67 11.98 8.24
CA LEU B 35 2.29 11.72 7.79
C LEU B 35 1.78 12.79 6.83
N LYS B 36 2.05 14.05 7.15
CA LYS B 36 1.66 15.15 6.28
C LYS B 36 2.39 15.11 4.92
N SER B 37 3.59 14.54 4.88
CA SER B 37 4.32 14.36 3.62
C SER B 37 3.66 13.41 2.60
N VAL B 38 2.74 12.55 3.06
CA VAL B 38 1.91 11.71 2.17
C VAL B 38 0.44 12.12 2.21
N GLY B 39 0.18 13.35 2.65
CA GLY B 39 -1.14 13.96 2.52
C GLY B 39 -2.08 13.79 3.68
N ALA B 40 -1.59 13.28 4.83
CA ALA B 40 -2.47 13.16 6.00
C ALA B 40 -2.83 14.56 6.52
N GLN B 41 -4.12 14.78 6.79
CA GLN B 41 -4.68 16.12 6.91
C GLN B 41 -4.94 16.59 8.35
N LYS B 42 -4.82 15.68 9.33
CA LYS B 42 -5.32 15.94 10.68
C LYS B 42 -4.22 15.97 11.72
N ASP B 43 -4.60 16.38 12.91
CA ASP B 43 -3.73 16.30 14.08
C ASP B 43 -4.00 15.04 14.89
N THR B 44 -5.22 14.50 14.81
CA THR B 44 -5.57 13.24 15.51
C THR B 44 -6.04 12.15 14.55
N TYR B 45 -5.68 10.91 14.88
CA TYR B 45 -5.98 9.73 14.06
C TYR B 45 -6.33 8.55 14.93
N THR B 46 -7.02 7.56 14.36
CA THR B 46 -7.01 6.23 14.97
C THR B 46 -5.63 5.61 14.69
N MET B 47 -5.16 4.74 15.57
CA MET B 47 -3.96 3.94 15.27
C MET B 47 -4.08 3.22 13.89
N LYS B 48 -5.27 2.77 13.53
CA LYS B 48 -5.52 2.16 12.22
C LYS B 48 -5.10 3.10 11.09
N GLU B 49 -5.51 4.36 11.20
CA GLU B 49 -5.19 5.36 10.17
C GLU B 49 -3.69 5.63 10.09
N VAL B 50 -3.02 5.67 11.24
CA VAL B 50 -1.57 5.84 11.29
C VAL B 50 -0.91 4.69 10.54
N LEU B 51 -1.40 3.47 10.74
CA LEU B 51 -0.82 2.29 10.09
C LEU B 51 -1.08 2.30 8.58
N PHE B 52 -2.27 2.76 8.14
CA PHE B 52 -2.50 2.93 6.72
C PHE B 52 -1.49 3.90 6.10
N TYR B 53 -1.35 5.08 6.70
CA TYR B 53 -0.46 6.13 6.12
C TYR B 53 1.04 5.75 6.20
N LEU B 54 1.46 5.04 7.24
CA LEU B 54 2.86 4.58 7.32
C LEU B 54 3.19 3.55 6.26
N GLY B 55 2.27 2.61 6.02
CA GLY B 55 2.46 1.65 4.95
C GLY B 55 2.55 2.34 3.60
N GLN B 56 1.64 3.28 3.37
CA GLN B 56 1.67 4.10 2.17
C GLN B 56 2.97 4.88 2.01
N TYR B 57 3.45 5.46 3.11
CA TYR B 57 4.68 6.24 3.11
C TYR B 57 5.86 5.37 2.66
N ILE B 58 5.98 4.19 3.25
CA ILE B 58 7.08 3.26 2.87
C ILE B 58 7.04 2.89 1.39
N ALA B 59 5.85 2.65 0.86
CA ALA B 59 5.70 2.32 -0.55
C ALA B 59 6.02 3.53 -1.44
N THR B 60 5.57 4.73 -1.05
CA THR B 60 5.84 5.94 -1.86
C THR B 60 7.33 6.31 -1.94
N LYS B 61 8.07 6.01 -0.87
CA LYS B 61 9.54 6.25 -0.85
C LYS B 61 10.33 5.02 -1.34
N ARG B 62 9.64 3.91 -1.65
CA ARG B 62 10.23 2.67 -2.12
C ARG B 62 11.33 2.17 -1.18
N LEU B 63 11.04 2.19 0.11
CA LEU B 63 12.04 1.79 1.14
C LEU B 63 12.14 0.30 1.34
N TYR B 64 11.16 -0.46 0.84
CA TYR B 64 11.18 -1.91 0.93
C TYR B 64 12.24 -2.48 -0.04
N ASP B 65 12.86 -3.58 0.37
CA ASP B 65 13.76 -4.35 -0.51
C ASP B 65 13.00 -5.00 -1.66
N GLU B 66 13.53 -4.90 -2.88
CA GLU B 66 12.86 -5.42 -4.07
C GLU B 66 12.64 -6.93 -4.04
N LYS B 67 13.64 -7.66 -3.52
CA LYS B 67 13.64 -9.13 -3.51
C LYS B 67 13.01 -9.76 -2.27
N GLN B 68 13.27 -9.17 -1.11
CA GLN B 68 12.72 -9.61 0.18
C GLN B 68 11.90 -8.45 0.76
N GLN B 69 10.64 -8.35 0.35
CA GLN B 69 9.90 -7.07 0.52
C GLN B 69 9.40 -6.79 1.93
N HIS B 70 9.61 -7.71 2.85
CA HIS B 70 9.46 -7.42 4.28
C HIS B 70 10.59 -6.59 4.87
N ILE B 71 11.71 -6.45 4.18
CA ILE B 71 12.81 -5.67 4.74
C ILE B 71 12.68 -4.21 4.32
N VAL B 72 12.72 -3.31 5.29
CA VAL B 72 12.57 -1.88 5.07
C VAL B 72 13.88 -1.20 5.44
N TYR B 73 14.47 -0.52 4.46
CA TYR B 73 15.72 0.21 4.66
C TYR B 73 15.43 1.68 4.85
N CYS B 74 15.69 2.19 6.04
CA CYS B 74 15.35 3.55 6.39
C CYS B 74 16.51 4.42 6.91
N SER B 75 17.77 3.97 6.72
CA SER B 75 18.92 4.73 7.28
C SER B 75 19.12 6.13 6.70
N ASN B 76 18.62 6.35 5.48
CA ASN B 76 18.70 7.68 4.84
C ASN B 76 17.32 8.36 4.70
N ASP B 77 16.41 8.03 5.60
CA ASP B 77 15.04 8.54 5.55
C ASP B 77 14.63 9.03 6.92
N LEU B 78 13.73 9.99 6.93
CA LEU B 78 13.05 10.44 8.16
C LEU B 78 12.53 9.28 9.01
N LEU B 79 12.02 8.24 8.37
CA LEU B 79 11.49 7.07 9.10
C LEU B 79 12.54 6.44 10.04
N GLY B 80 13.78 6.37 9.57
CA GLY B 80 14.88 5.85 10.39
C GLY B 80 15.21 6.73 11.60
N ASP B 81 15.10 8.04 11.44
CA ASP B 81 15.28 8.99 12.55
C ASP B 81 14.17 8.83 13.58
N LEU B 82 12.96 8.59 13.08
CA LEU B 82 11.76 8.37 13.90
C LEU B 82 11.83 7.05 14.68
N PHE B 83 12.20 5.97 14.00
CA PHE B 83 12.26 4.65 14.59
C PHE B 83 13.59 4.34 15.31
N GLY B 84 14.63 5.11 15.00
CA GLY B 84 15.93 4.92 15.64
C GLY B 84 16.64 3.64 15.21
N VAL B 85 16.38 3.18 13.98
CA VAL B 85 17.03 2.01 13.41
C VAL B 85 17.39 2.26 11.95
N PRO B 86 18.38 1.52 11.43
CA PRO B 86 18.76 1.63 10.02
C PRO B 86 17.88 0.80 9.10
N SER B 87 17.29 -0.26 9.65
CA SER B 87 16.38 -1.12 8.92
C SER B 87 15.50 -1.89 9.90
N PHE B 88 14.44 -2.49 9.39
CA PHE B 88 13.60 -3.41 10.18
C PHE B 88 12.84 -4.32 9.25
N SER B 89 12.28 -5.41 9.80
CA SER B 89 11.48 -6.36 9.06
C SER B 89 10.01 -6.14 9.46
N VAL B 90 9.15 -6.15 8.45
CA VAL B 90 7.69 -6.01 8.66
C VAL B 90 7.15 -7.22 9.42
N LYS B 91 7.87 -8.34 9.40
CA LYS B 91 7.49 -9.51 10.18
C LYS B 91 7.59 -9.32 11.71
N GLU B 92 8.36 -8.31 12.15
CA GLU B 92 8.58 -8.01 13.56
C GLU B 92 7.44 -7.17 14.10
N HIS B 93 6.27 -7.78 14.23
CA HIS B 93 5.06 -7.01 14.61
C HIS B 93 5.18 -6.27 15.93
N ARG B 94 5.72 -6.93 16.94
CA ARG B 94 5.81 -6.31 18.26
C ARG B 94 6.76 -5.10 18.25
N LYS B 95 7.87 -5.26 17.55
CA LYS B 95 8.84 -4.17 17.45
C LYS B 95 8.25 -2.95 16.76
N ILE B 96 7.52 -3.16 15.68
CA ILE B 96 6.88 -2.07 14.94
C ILE B 96 5.85 -1.36 15.81
N TYR B 97 5.00 -2.13 16.48
CA TYR B 97 4.01 -1.59 17.41
C TYR B 97 4.69 -0.69 18.44
N THR B 98 5.80 -1.19 19.00
CA THR B 98 6.56 -0.43 20.00
C THR B 98 7.18 0.84 19.41
N MET B 99 7.80 0.72 18.24
CA MET B 99 8.45 1.87 17.58
C MET B 99 7.44 2.93 17.20
N ILE B 100 6.28 2.52 16.69
CA ILE B 100 5.21 3.48 16.37
C ILE B 100 4.71 4.19 17.64
N TYR B 101 4.48 3.42 18.70
CA TYR B 101 3.92 3.97 19.93
C TYR B 101 4.82 4.99 20.61
N ARG B 102 6.14 4.85 20.45
CA ARG B 102 7.10 5.87 20.93
C ARG B 102 6.86 7.26 20.32
N ASN B 103 6.19 7.29 19.17
CA ASN B 103 5.94 8.50 18.40
C ASN B 103 4.50 8.98 18.44
N LEU B 104 3.70 8.45 19.38
CA LEU B 104 2.30 8.78 19.53
C LEU B 104 2.03 9.22 20.97
N VAL B 105 0.99 10.03 21.13
CA VAL B 105 0.40 10.34 22.44
C VAL B 105 -1.07 9.93 22.38
N VAL B 106 -1.52 9.12 23.34
CA VAL B 106 -2.92 8.68 23.38
C VAL B 106 -3.82 9.83 23.80
N VAL B 107 -4.98 9.94 23.16
CA VAL B 107 -6.06 10.85 23.54
C VAL B 107 -7.05 10.04 24.36
N ASN B 108 -7.47 10.57 25.51
CA ASN B 108 -8.43 9.89 26.41
C ASN B 108 -9.82 10.51 26.33
N SER C 2 -6.81 7.76 3.32
CA SER C 2 -5.60 7.48 2.54
C SER C 2 -5.92 6.66 1.31
N PHE C 3 -5.06 6.79 0.31
CA PHE C 3 -5.06 5.90 -0.84
C PHE C 3 -4.99 4.44 -0.37
N GLU C 5 -6.08 3.05 2.33
CA GLU C 5 -7.40 2.63 2.81
C GLU C 5 -8.43 2.46 1.67
N TYR C 6 -8.47 3.40 0.71
CA TYR C 6 -9.39 3.24 -0.43
C TYR C 6 -9.08 1.95 -1.21
N ALA C 8 -7.46 -0.75 -0.10
CA ALA C 8 -7.79 -1.88 0.77
C ALA C 8 -9.28 -2.21 0.76
N LEU C 9 -10.14 -1.20 0.64
CA LEU C 9 -11.58 -1.40 0.54
C LEU C 9 -11.94 -2.05 -0.79
N LEU C 10 -11.25 -1.63 -1.84
CA LEU C 10 -11.38 -2.25 -3.14
C LEU C 10 -10.98 -3.72 -3.10
N SER D 2 4.59 -9.44 -1.63
CA SER D 2 4.71 -7.99 -1.75
C SER D 2 4.84 -7.34 -0.37
N PHE D 3 5.54 -6.20 -0.36
CA PHE D 3 5.54 -5.30 0.79
C PHE D 3 4.09 -5.02 1.23
N GLU D 5 1.42 -6.78 0.92
CA GLU D 5 0.86 -7.93 1.65
C GLU D 5 1.46 -8.10 3.05
N TYR D 6 2.78 -7.96 3.20
CA TYR D 6 3.38 -7.99 4.52
C TYR D 6 2.80 -6.95 5.48
N ALA D 8 -0.05 -5.39 5.16
CA ALA D 8 -1.45 -5.73 5.39
C ALA D 8 -1.63 -6.80 6.47
N LEU D 9 -0.67 -7.71 6.59
CA LEU D 9 -0.67 -8.73 7.68
C LEU D 9 -0.39 -8.12 9.04
N LEU D 10 0.42 -7.05 9.09
CA LEU D 10 0.61 -6.29 10.30
C LEU D 10 -0.68 -5.57 10.70
#